data_4HU1
#
_entry.id   4HU1
#
_cell.length_a   56.270
_cell.length_b   57.386
_cell.length_c   159.552
_cell.angle_alpha   90.000
_cell.angle_beta   90.000
_cell.angle_gamma   90.000
#
_symmetry.space_group_name_H-M   'P 21 21 21'
#
loop_
_entity.id
_entity.type
_entity.pdbx_description
1 polymer 'Carbonic anhydrase 13'
2 non-polymer 'ZINC ION'
3 non-polymer 2,3,5,6-tetrafluoro-4-[(2-hydroxyethyl)sulfonyl]benzenesulfonamide
4 non-polymer 1,2-ETHANEDIOL
5 non-polymer DI(HYDROXYETHYL)ETHER
6 water water
#
_entity_poly.entity_id   1
_entity_poly.type   'polypeptide(L)'
_entity_poly.pdbx_seq_one_letter_code
;MMSRLSWGYREHNGPIHWKEFFPIADGDQQSPIEIKTKEVKYDSSLRPLSIKYDPSSAKIISNSGHSFNVDFDDTENKSV
LRGGPLTGSYRLRQVHLHWGSADDHGSEHIVDGVSYAAELHVVHWNSDKYPSFVEAAHEPDGLAVLGVFLQIGEPNSQLQ
KITDTLDSIKEKGKQTRFTNFDLLSLLPPSWDYWTYPGSLTVPPLLESVTWIVLKQPINISSQQLAKFRSLLCTAEGEAA
AFLVSNHRPPQPLKGRKVRASFH
;
_entity_poly.pdbx_strand_id   B,A
#
loop_
_chem_comp.id
_chem_comp.type
_chem_comp.name
_chem_comp.formula
EDO non-polymer 1,2-ETHANEDIOL 'C2 H6 O2'
PEG non-polymer DI(HYDROXYETHYL)ETHER 'C4 H10 O3'
V13 non-polymer 2,3,5,6-tetrafluoro-4-[(2-hydroxyethyl)sulfonyl]benzenesulfonamide 'C8 H7 F4 N O5 S2'
ZN non-polymer 'ZINC ION' 'Zn 2'
#
# COMPACT_ATOMS: atom_id res chain seq x y z
N ARG A 4 -21.11 1.12 32.86
CA ARG A 4 -22.06 0.00 32.53
C ARG A 4 -21.55 -0.94 31.41
N LEU A 5 -21.65 -2.23 31.71
CA LEU A 5 -21.18 -3.25 30.80
C LEU A 5 -22.25 -3.65 29.75
N SER A 6 -23.42 -3.02 29.83
CA SER A 6 -24.55 -3.33 28.97
C SER A 6 -24.99 -2.16 28.07
N TRP A 7 -24.06 -1.35 27.62
CA TRP A 7 -24.40 -0.32 26.65
C TRP A 7 -24.65 -1.00 25.29
N GLY A 8 -25.43 -0.35 24.42
CA GLY A 8 -25.77 -0.90 23.09
C GLY A 8 -26.34 0.21 22.25
N TYR A 9 -27.24 -0.19 21.35
CA TYR A 9 -27.89 0.75 20.47
C TYR A 9 -29.42 0.55 20.50
N ARG A 10 -29.91 -0.22 21.47
CA ARG A 10 -31.36 -0.40 21.66
C ARG A 10 -31.99 0.82 22.39
N GLU A 11 -33.31 0.82 22.61
CA GLU A 11 -33.95 2.03 23.22
C GLU A 11 -33.37 2.39 24.62
N HIS A 12 -33.13 1.40 25.46
CA HIS A 12 -32.78 1.74 26.85
C HIS A 12 -31.29 1.75 27.10
N ASN A 13 -30.50 1.25 26.15
CA ASN A 13 -29.03 1.31 26.33
C ASN A 13 -28.29 2.12 25.22
N GLY A 14 -29.03 2.79 24.33
CA GLY A 14 -28.47 3.41 23.12
C GLY A 14 -27.73 4.69 23.39
N PRO A 15 -27.12 5.30 22.34
CA PRO A 15 -26.30 6.49 22.44
C PRO A 15 -26.76 7.55 23.41
N ILE A 16 -28.06 7.86 23.45
CA ILE A 16 -28.54 8.94 24.29
C ILE A 16 -28.36 8.71 25.81
N HIS A 17 -28.22 7.44 26.20
CA HIS A 17 -28.11 6.96 27.58
C HIS A 17 -26.66 6.75 27.97
N TRP A 18 -25.75 6.81 27.00
CA TRP A 18 -24.35 6.46 27.32
C TRP A 18 -23.74 7.41 28.32
N LYS A 19 -24.11 8.69 28.24
CA LYS A 19 -23.65 9.74 29.21
C LYS A 19 -23.89 9.37 30.67
N GLU A 20 -24.86 8.48 30.95
CA GLU A 20 -25.23 8.06 32.32
C GLU A 20 -24.11 7.33 32.98
N PHE A 21 -23.52 6.40 32.25
CA PHE A 21 -22.28 5.75 32.70
C PHE A 21 -20.93 6.22 32.17
N PHE A 22 -20.93 6.99 31.10
CA PHE A 22 -19.72 7.53 30.49
C PHE A 22 -19.87 9.05 30.28
N PRO A 23 -19.68 9.88 31.33
CA PRO A 23 -20.03 11.28 31.07
C PRO A 23 -19.18 12.05 30.03
N ILE A 24 -18.00 11.49 29.67
CA ILE A 24 -17.19 12.02 28.58
C ILE A 24 -18.00 12.09 27.24
N ALA A 25 -19.16 11.39 27.19
CA ALA A 25 -20.04 11.40 25.98
C ALA A 25 -20.34 12.86 25.59
N ASP A 26 -20.44 13.71 26.63
CA ASP A 26 -20.68 15.16 26.45
C ASP A 26 -19.39 16.00 26.50
N GLY A 27 -18.25 15.35 26.27
CA GLY A 27 -16.95 15.96 26.19
C GLY A 27 -16.80 17.00 25.07
N ASP A 28 -15.63 17.58 25.03
CA ASP A 28 -15.19 18.58 24.04
C ASP A 28 -14.46 17.96 22.82
N GLN A 29 -14.14 16.67 22.85
CA GLN A 29 -13.46 16.02 21.69
C GLN A 29 -14.13 14.71 21.34
N GLN A 30 -15.44 14.77 21.21
CA GLN A 30 -16.25 13.61 20.96
C GLN A 30 -16.44 13.39 19.48
N SER A 31 -16.52 12.13 19.12
CA SER A 31 -16.71 11.68 17.77
C SER A 31 -17.98 10.81 17.69
N PRO A 32 -18.57 10.69 16.48
CA PRO A 32 -18.21 11.34 15.26
C PRO A 32 -18.71 12.80 15.24
N ILE A 33 -18.55 13.46 14.10
CA ILE A 33 -18.83 14.90 13.97
C ILE A 33 -19.48 15.09 12.60
N GLU A 34 -20.05 16.27 12.38
CA GLU A 34 -20.39 16.74 11.05
C GLU A 34 -19.22 17.52 10.49
N ILE A 35 -18.87 17.20 9.27
CA ILE A 35 -17.86 17.94 8.54
C ILE A 35 -18.52 18.98 7.56
N LYS A 36 -18.29 20.28 7.87
CA LYS A 36 -18.78 21.37 7.07
C LYS A 36 -17.62 21.75 6.20
N THR A 37 -17.66 21.38 4.94
CA THR A 37 -16.47 21.63 4.08
C THR A 37 -16.02 23.11 3.89
N LYS A 38 -16.94 24.09 3.94
CA LYS A 38 -16.56 25.50 3.70
C LYS A 38 -15.68 26.06 4.81
N GLU A 39 -15.80 25.43 5.98
CA GLU A 39 -14.99 25.75 7.15
C GLU A 39 -13.70 24.97 7.27
N VAL A 40 -13.52 23.96 6.42
CA VAL A 40 -12.41 23.07 6.52
C VAL A 40 -11.26 23.73 5.81
N LYS A 41 -10.12 23.85 6.46
CA LYS A 41 -8.92 24.34 5.78
C LYS A 41 -7.94 23.22 5.37
N TYR A 42 -7.55 23.26 4.10
CA TYR A 42 -6.39 22.55 3.57
C TYR A 42 -5.11 22.84 4.38
N ASP A 43 -4.39 21.79 4.77
CA ASP A 43 -3.13 21.94 5.50
C ASP A 43 -1.95 21.32 4.77
N SER A 44 -1.08 22.17 4.20
CA SER A 44 0.08 21.72 3.40
C SER A 44 1.15 21.03 4.23
N SER A 45 1.10 21.22 5.57
CA SER A 45 1.99 20.53 6.51
C SER A 45 1.74 19.00 6.73
N LEU A 46 0.52 18.57 6.42
CA LEU A 46 0.24 17.11 6.32
C LEU A 46 1.16 16.34 5.35
N ARG A 47 1.78 15.25 5.82
CA ARG A 47 2.76 14.51 5.03
C ARG A 47 1.96 13.54 4.20
N PRO A 48 2.53 12.95 3.14
CA PRO A 48 1.73 11.86 2.50
C PRO A 48 1.24 10.76 3.47
N LEU A 49 -0.02 10.36 3.33
CA LEU A 49 -0.59 9.18 4.05
C LEU A 49 0.10 7.95 3.50
N SER A 50 0.58 7.08 4.39
CA SER A 50 1.35 5.87 4.00
C SER A 50 0.69 4.62 4.59
N ILE A 51 0.30 3.66 3.72
CA ILE A 51 -0.51 2.55 4.19
C ILE A 51 0.16 1.29 3.74
N LYS A 52 0.77 0.61 4.71
CA LYS A 52 1.43 -0.69 4.47
C LYS A 52 0.59 -1.73 5.21
N TYR A 53 -0.11 -2.57 4.44
CA TYR A 53 -0.97 -3.58 5.02
C TYR A 53 -0.54 -4.93 4.45
N ASP A 54 -0.36 -5.87 5.38
CA ASP A 54 -0.06 -7.24 5.06
C ASP A 54 -1.31 -8.15 5.29
N PRO A 55 -1.82 -8.79 4.24
CA PRO A 55 -2.99 -9.67 4.44
C PRO A 55 -2.82 -10.80 5.47
N SER A 56 -1.63 -11.29 5.72
CA SER A 56 -1.44 -12.35 6.71
C SER A 56 -1.49 -11.82 8.16
N SER A 57 -1.53 -10.49 8.33
CA SER A 57 -1.77 -9.88 9.64
C SER A 57 -3.14 -10.22 10.23
N ALA A 58 -4.15 -10.40 9.38
CA ALA A 58 -5.54 -10.64 9.88
C ALA A 58 -5.59 -11.99 10.59
N LYS A 59 -6.32 -12.12 11.69
CA LYS A 59 -6.30 -13.39 12.45
C LYS A 59 -7.69 -13.96 12.64
N ILE A 60 -8.65 -13.12 13.05
CA ILE A 60 -9.96 -13.60 13.41
C ILE A 60 -10.99 -12.59 13.07
N ILE A 61 -12.21 -13.06 12.87
CA ILE A 61 -13.35 -12.16 12.84
C ILE A 61 -14.27 -12.68 13.93
N SER A 62 -14.91 -11.77 14.66
CA SER A 62 -15.81 -12.13 15.73
C SER A 62 -16.99 -11.15 15.75
N ASN A 63 -18.02 -11.57 16.45
CA ASN A 63 -19.15 -10.71 16.76
C ASN A 63 -18.99 -10.16 18.22
N SER A 64 -18.71 -8.86 18.34
CA SER A 64 -18.56 -8.18 19.64
C SER A 64 -19.93 -7.90 20.27
N GLY A 65 -21.00 -8.09 19.50
CA GLY A 65 -22.36 -7.63 19.93
C GLY A 65 -22.68 -6.22 19.48
N HIS A 66 -21.66 -5.48 19.03
CA HIS A 66 -21.79 -4.06 18.62
C HIS A 66 -21.43 -3.87 17.10
N SER A 67 -20.70 -4.84 16.56
CA SER A 67 -20.28 -4.93 15.16
C SER A 67 -19.60 -6.24 14.95
N PHE A 68 -19.17 -6.50 13.72
CA PHE A 68 -18.15 -7.52 13.59
C PHE A 68 -16.78 -6.85 13.85
N ASN A 69 -15.82 -7.60 14.36
CA ASN A 69 -14.45 -7.08 14.54
C ASN A 69 -13.49 -8.03 13.84
N VAL A 70 -12.67 -7.50 12.92
CA VAL A 70 -11.54 -8.28 12.37
C VAL A 70 -10.36 -7.86 13.21
N ASP A 71 -9.73 -8.82 13.87
CA ASP A 71 -8.54 -8.54 14.69
C ASP A 71 -7.27 -9.01 13.98
N PHE A 72 -6.22 -8.23 14.21
CA PHE A 72 -4.98 -8.35 13.48
C PHE A 72 -3.88 -8.60 14.49
N ASP A 73 -2.88 -9.28 14.01
CA ASP A 73 -1.77 -9.59 14.87
C ASP A 73 -1.07 -8.26 14.93
N ASP A 74 -0.98 -7.66 16.11
CA ASP A 74 -0.36 -6.35 16.20
C ASP A 74 0.87 -6.41 17.22
N THR A 75 1.77 -7.40 17.07
CA THR A 75 3.06 -7.27 17.82
C THR A 75 4.20 -7.01 16.87
N GLU A 76 3.86 -6.85 15.60
CA GLU A 76 4.83 -6.50 14.59
C GLU A 76 4.38 -5.27 13.80
N ASN A 77 5.31 -4.68 13.07
CA ASN A 77 5.00 -3.56 12.20
C ASN A 77 4.77 -3.99 10.74
N LYS A 78 4.12 -5.15 10.54
CA LYS A 78 3.85 -5.59 9.16
C LYS A 78 2.74 -4.73 8.52
N SER A 79 1.82 -4.24 9.37
CA SER A 79 0.63 -3.47 8.89
C SER A 79 0.54 -2.23 9.73
N VAL A 80 0.89 -1.08 9.14
CA VAL A 80 1.06 0.17 9.86
C VAL A 80 0.58 1.33 8.99
N LEU A 81 0.11 2.36 9.67
CA LEU A 81 -0.39 3.58 9.08
C LEU A 81 0.61 4.62 9.56
N ARG A 82 1.16 5.37 8.61
CA ARG A 82 2.09 6.47 8.94
C ARG A 82 1.71 7.64 8.09
N GLY A 83 2.29 8.79 8.34
CA GLY A 83 2.09 9.96 7.49
C GLY A 83 0.82 10.70 7.88
N GLY A 84 0.26 11.40 6.89
CA GLY A 84 -0.85 12.29 7.12
C GLY A 84 -0.57 13.20 8.32
N PRO A 85 -1.48 13.23 9.31
CA PRO A 85 -1.29 14.03 10.50
C PRO A 85 -0.48 13.34 11.58
N LEU A 86 0.04 12.13 11.31
CA LEU A 86 0.53 11.31 12.42
C LEU A 86 2.02 11.49 12.67
N THR A 87 2.40 11.52 13.93
CA THR A 87 3.80 11.39 14.30
C THR A 87 4.06 9.93 14.68
N GLY A 88 4.98 9.30 13.96
CA GLY A 88 5.39 7.92 14.20
C GLY A 88 4.46 6.86 13.56
N SER A 89 4.64 5.61 13.99
CA SER A 89 3.99 4.47 13.40
C SER A 89 2.80 3.98 14.29
N TYR A 90 1.65 3.88 13.64
CA TYR A 90 0.46 3.39 14.25
C TYR A 90 0.14 2.03 13.65
N ARG A 91 0.10 1.07 14.54
CA ARG A 91 -0.01 -0.31 14.17
C ARG A 91 -1.48 -0.74 13.97
N LEU A 92 -1.76 -1.46 12.89
CA LEU A 92 -3.16 -1.90 12.69
C LEU A 92 -3.59 -2.85 13.79
N ARG A 93 -4.77 -2.61 14.37
CA ARG A 93 -5.33 -3.39 15.43
C ARG A 93 -6.58 -4.12 14.93
N GLN A 94 -7.52 -3.38 14.35
CA GLN A 94 -8.76 -3.99 14.02
C GLN A 94 -9.61 -3.21 13.03
N VAL A 95 -10.58 -3.91 12.46
CA VAL A 95 -11.49 -3.32 11.50
C VAL A 95 -12.91 -3.65 11.96
N HIS A 96 -13.79 -2.66 11.89
CA HIS A 96 -15.25 -2.93 12.09
C HIS A 96 -16.08 -2.02 11.21
N LEU A 97 -17.40 -2.15 11.34
CA LEU A 97 -18.33 -1.40 10.49
C LEU A 97 -19.53 -0.88 11.26
N HIS A 98 -20.01 0.31 10.87
CA HIS A 98 -21.26 0.86 11.41
C HIS A 98 -22.32 1.02 10.31
N TRP A 99 -23.57 0.79 10.68
CA TRP A 99 -24.62 0.93 9.66
C TRP A 99 -25.91 1.38 10.41
N GLY A 100 -27.00 1.64 9.69
CA GLY A 100 -28.31 1.90 10.33
C GLY A 100 -29.38 0.87 9.94
N SER A 101 -30.60 1.08 10.41
CA SER A 101 -31.65 0.10 10.13
C SER A 101 -32.15 0.21 8.67
N ALA A 102 -31.82 1.30 8.00
CA ALA A 102 -32.22 1.48 6.60
C ALA A 102 -31.07 2.08 5.83
N ASP A 103 -31.07 1.87 4.51
CA ASP A 103 -29.93 2.29 3.66
C ASP A 103 -29.66 3.76 3.51
N ASP A 104 -30.66 4.57 3.81
CA ASP A 104 -30.58 6.03 3.63
C ASP A 104 -29.65 6.71 4.66
N HIS A 105 -29.39 6.06 5.80
CA HIS A 105 -28.32 6.62 6.66
C HIS A 105 -27.70 5.55 7.52
N GLY A 106 -26.67 5.89 8.30
CA GLY A 106 -25.95 4.82 8.96
C GLY A 106 -24.49 5.07 9.11
N SER A 107 -23.94 5.96 8.28
CA SER A 107 -22.59 6.50 8.61
C SER A 107 -22.53 7.23 9.98
N GLU A 108 -21.33 7.23 10.57
CA GLU A 108 -21.14 7.99 11.83
C GLU A 108 -20.85 9.47 11.56
N HIS A 109 -19.86 9.74 10.72
CA HIS A 109 -19.58 11.07 10.25
C HIS A 109 -20.63 11.42 9.16
N ILE A 110 -20.95 12.69 9.09
CA ILE A 110 -21.94 13.23 8.11
C ILE A 110 -21.28 14.46 7.47
N VAL A 111 -21.19 14.46 6.13
CA VAL A 111 -20.41 15.46 5.38
C VAL A 111 -21.35 16.42 4.68
N ASP A 112 -21.27 17.68 5.05
CA ASP A 112 -22.24 18.71 4.57
C ASP A 112 -23.68 18.16 4.53
N GLY A 113 -24.15 17.62 5.66
CA GLY A 113 -25.50 17.04 5.71
C GLY A 113 -25.66 15.67 5.07
N VAL A 114 -24.72 15.27 4.21
CA VAL A 114 -24.79 13.96 3.61
C VAL A 114 -24.36 12.82 4.56
N SER A 115 -25.28 11.86 4.78
CA SER A 115 -24.88 10.58 5.34
C SER A 115 -24.87 9.47 4.26
N TYR A 116 -24.10 8.47 4.60
CA TYR A 116 -23.87 7.31 3.81
C TYR A 116 -24.52 6.19 4.50
N ALA A 117 -24.66 5.09 3.76
CA ALA A 117 -25.29 3.86 4.24
C ALA A 117 -24.52 3.22 5.41
N ALA A 118 -23.20 3.36 5.40
CA ALA A 118 -22.38 2.65 6.38
C ALA A 118 -21.01 3.32 6.40
N GLU A 119 -20.22 2.98 7.43
CA GLU A 119 -18.89 3.55 7.62
C GLU A 119 -17.98 2.48 8.25
N LEU A 120 -16.88 2.28 7.57
CA LEU A 120 -15.85 1.30 7.92
C LEU A 120 -14.81 2.05 8.70
N HIS A 121 -14.33 1.44 9.81
CA HIS A 121 -13.32 2.01 10.63
C HIS A 121 -12.15 1.05 10.77
N VAL A 122 -10.96 1.61 10.59
CA VAL A 122 -9.72 0.88 10.68
C VAL A 122 -8.94 1.51 11.80
N VAL A 123 -8.81 0.74 12.87
CA VAL A 123 -8.26 1.22 14.13
C VAL A 123 -6.76 0.84 14.19
N HIS A 124 -5.95 1.83 14.60
CA HIS A 124 -4.48 1.73 14.72
C HIS A 124 -4.08 2.36 16.06
N TRP A 125 -2.96 1.89 16.59
CA TRP A 125 -2.41 2.42 17.84
C TRP A 125 -0.91 2.69 17.75
N ASN A 126 -0.52 3.74 18.46
CA ASN A 126 0.84 4.22 18.50
C ASN A 126 1.74 3.28 19.32
N SER A 127 2.33 2.30 18.62
CA SER A 127 3.30 1.35 19.21
C SER A 127 4.73 1.94 19.35
N ASP A 128 4.97 3.11 18.77
CA ASP A 128 6.20 3.88 18.99
C ASP A 128 6.28 4.45 20.40
N LYS A 129 5.15 4.73 21.03
CA LYS A 129 5.14 5.26 22.39
C LYS A 129 4.53 4.39 23.46
N TYR A 130 3.55 3.56 23.11
CA TYR A 130 2.76 2.87 24.12
C TYR A 130 2.95 1.38 23.96
N PRO A 131 2.82 0.63 25.06
CA PRO A 131 3.13 -0.81 25.10
C PRO A 131 2.06 -1.70 24.55
N SER A 132 0.86 -1.15 24.41
CA SER A 132 -0.33 -1.94 24.09
C SER A 132 -1.44 -1.02 23.57
N PHE A 133 -2.32 -1.60 22.74
CA PHE A 133 -3.53 -0.91 22.28
C PHE A 133 -4.30 -0.40 23.50
N VAL A 134 -4.49 -1.28 24.49
CA VAL A 134 -5.23 -0.89 25.67
C VAL A 134 -4.64 0.37 26.32
N GLU A 135 -3.31 0.42 26.50
CA GLU A 135 -2.72 1.63 27.06
C GLU A 135 -2.86 2.87 26.16
N ALA A 136 -2.65 2.65 24.85
CA ALA A 136 -2.64 3.73 23.80
C ALA A 136 -4.01 4.41 23.77
N ALA A 137 -5.07 3.60 23.94
CA ALA A 137 -6.46 4.06 24.03
C ALA A 137 -6.72 5.09 25.10
N HIS A 138 -5.78 5.25 26.04
CA HIS A 138 -5.96 6.22 27.06
C HIS A 138 -5.10 7.47 26.89
N GLU A 139 -4.48 7.63 25.72
CA GLU A 139 -3.56 8.75 25.50
C GLU A 139 -4.04 9.61 24.37
N PRO A 140 -3.95 10.92 24.48
CA PRO A 140 -4.43 11.74 23.35
C PRO A 140 -3.92 11.45 21.96
N ASP A 141 -2.63 11.04 21.86
CA ASP A 141 -1.97 10.65 20.65
C ASP A 141 -1.89 9.10 20.47
N GLY A 142 -2.66 8.36 21.27
CA GLY A 142 -2.55 6.90 21.27
C GLY A 142 -3.14 6.22 20.02
N LEU A 143 -4.30 6.69 19.56
CA LEU A 143 -5.03 5.97 18.46
C LEU A 143 -5.21 6.79 17.20
N ALA A 144 -5.25 6.12 16.06
CA ALA A 144 -5.58 6.65 14.72
C ALA A 144 -6.59 5.71 14.04
N VAL A 145 -7.71 6.28 13.62
CA VAL A 145 -8.73 5.48 13.00
C VAL A 145 -9.00 6.14 11.67
N LEU A 146 -8.96 5.27 10.67
CA LEU A 146 -9.30 5.61 9.32
C LEU A 146 -10.75 5.23 9.10
N GLY A 147 -11.55 6.23 8.67
CA GLY A 147 -12.97 6.01 8.32
C GLY A 147 -13.15 6.05 6.82
N VAL A 148 -13.99 5.12 6.34
CA VAL A 148 -14.29 4.97 4.94
C VAL A 148 -15.80 4.92 4.88
N PHE A 149 -16.38 5.83 4.10
CA PHE A 149 -17.86 5.79 3.85
C PHE A 149 -18.26 4.72 2.86
N LEU A 150 -19.42 4.14 3.09
CA LEU A 150 -19.93 3.18 2.13
C LEU A 150 -21.23 3.74 1.61
N GLN A 151 -21.34 3.87 0.29
CA GLN A 151 -22.57 4.34 -0.31
C GLN A 151 -23.23 3.20 -1.05
N ILE A 152 -24.56 3.30 -1.13
CA ILE A 152 -25.32 2.28 -1.83
C ILE A 152 -24.92 2.35 -3.29
N GLY A 153 -24.50 1.22 -3.84
CA GLY A 153 -24.00 1.18 -5.20
C GLY A 153 -23.95 -0.27 -5.64
N GLU A 154 -23.28 -0.52 -6.75
N GLU A 154 -23.11 -0.48 -6.65
CA GLU A 154 -23.27 -1.90 -7.19
CA GLU A 154 -22.83 -1.81 -7.18
C GLU A 154 -22.37 -2.68 -6.22
C GLU A 154 -22.26 -2.69 -6.07
N PRO A 155 -22.60 -4.00 -6.08
CA PRO A 155 -21.93 -4.80 -5.07
C PRO A 155 -20.39 -4.73 -5.07
N ASN A 156 -19.86 -4.75 -3.85
CA ASN A 156 -18.43 -4.69 -3.62
C ASN A 156 -17.85 -6.07 -3.37
N SER A 157 -17.19 -6.63 -4.37
CA SER A 157 -16.63 -7.99 -4.32
C SER A 157 -15.64 -8.08 -3.16
N GLN A 158 -15.14 -6.90 -2.76
CA GLN A 158 -14.12 -6.89 -1.70
C GLN A 158 -14.70 -7.08 -0.32
N LEU A 159 -16.03 -7.01 -0.23
CA LEU A 159 -16.69 -7.38 1.04
C LEU A 159 -16.98 -8.89 1.20
N GLN A 160 -16.73 -9.74 0.19
CA GLN A 160 -17.11 -11.15 0.23
C GLN A 160 -16.45 -11.95 1.36
N LYS A 161 -15.15 -11.80 1.55
CA LYS A 161 -14.48 -12.52 2.61
C LYS A 161 -15.25 -12.32 3.93
N ILE A 162 -15.64 -11.07 4.22
CA ILE A 162 -16.40 -10.70 5.43
C ILE A 162 -17.85 -11.23 5.43
N THR A 163 -18.63 -10.90 4.40
CA THR A 163 -20.02 -11.34 4.36
C THR A 163 -20.20 -12.89 4.39
N ASP A 164 -19.32 -13.64 3.71
CA ASP A 164 -19.24 -15.12 3.83
C ASP A 164 -19.12 -15.66 5.25
N THR A 165 -18.64 -14.83 6.19
CA THR A 165 -18.49 -15.30 7.58
C THR A 165 -19.61 -14.98 8.50
N LEU A 166 -20.55 -14.14 8.09
CA LEU A 166 -21.51 -13.59 9.01
C LEU A 166 -22.43 -14.64 9.63
N ASP A 167 -22.71 -15.69 8.89
CA ASP A 167 -23.57 -16.73 9.47
C ASP A 167 -22.93 -17.43 10.68
N SER A 168 -21.68 -17.83 10.51
CA SER A 168 -20.85 -18.40 11.59
C SER A 168 -20.62 -17.50 12.83
N ILE A 169 -20.78 -16.17 12.69
CA ILE A 169 -20.63 -15.26 13.85
C ILE A 169 -21.96 -14.56 14.21
N LYS A 170 -23.09 -15.20 13.92
CA LYS A 170 -24.39 -14.58 14.14
C LYS A 170 -24.56 -14.08 15.60
N GLU A 171 -24.10 -14.88 16.55
CA GLU A 171 -24.34 -14.65 17.96
C GLU A 171 -23.14 -13.86 18.52
N LYS A 172 -23.43 -12.86 19.36
CA LYS A 172 -22.37 -12.19 20.11
C LYS A 172 -21.47 -13.26 20.79
N GLY A 173 -20.14 -13.07 20.64
CA GLY A 173 -19.14 -13.94 21.28
C GLY A 173 -18.53 -14.95 20.32
N LYS A 174 -19.22 -15.20 19.18
CA LYS A 174 -18.74 -16.14 18.17
C LYS A 174 -17.53 -15.53 17.46
N GLN A 175 -16.61 -16.39 17.05
CA GLN A 175 -15.48 -15.93 16.26
C GLN A 175 -15.08 -17.04 15.32
N THR A 176 -14.43 -16.69 14.22
N THR A 176 -14.37 -16.68 14.26
CA THR A 176 -13.91 -17.70 13.29
CA THR A 176 -13.91 -17.64 13.25
C THR A 176 -12.61 -17.23 12.72
C THR A 176 -12.52 -17.22 12.83
N ARG A 177 -11.75 -18.18 12.37
N ARG A 177 -11.67 -18.18 12.44
CA ARG A 177 -10.50 -17.94 11.65
CA ARG A 177 -10.40 -17.78 11.83
C ARG A 177 -10.63 -16.97 10.45
C ARG A 177 -10.71 -16.86 10.63
N PHE A 178 -9.81 -15.92 10.38
CA PHE A 178 -9.96 -14.94 9.29
C PHE A 178 -8.63 -14.38 8.99
N THR A 179 -7.98 -14.93 7.98
CA THR A 179 -6.65 -14.45 7.55
C THR A 179 -6.60 -14.30 6.08
N ASN A 180 -5.50 -13.76 5.60
CA ASN A 180 -5.31 -13.49 4.19
C ASN A 180 -6.37 -12.55 3.68
N PHE A 181 -6.49 -11.43 4.42
CA PHE A 181 -7.58 -10.47 4.23
C PHE A 181 -6.98 -9.26 3.58
N ASP A 182 -7.43 -8.98 2.38
CA ASP A 182 -6.97 -7.84 1.63
C ASP A 182 -7.70 -6.55 2.06
N LEU A 183 -7.21 -5.94 3.12
CA LEU A 183 -7.81 -4.72 3.64
C LEU A 183 -7.59 -3.52 2.69
N LEU A 184 -6.40 -3.50 2.13
CA LEU A 184 -5.98 -2.46 1.23
C LEU A 184 -7.01 -2.20 0.12
N SER A 185 -7.54 -3.28 -0.46
CA SER A 185 -8.50 -3.21 -1.54
C SER A 185 -9.86 -2.73 -1.12
N LEU A 186 -10.06 -2.61 0.20
CA LEU A 186 -11.35 -2.09 0.66
C LEU A 186 -11.34 -0.56 0.62
N LEU A 187 -10.17 0.04 0.54
CA LEU A 187 -10.08 1.50 0.53
C LEU A 187 -10.48 2.02 -0.84
N PRO A 188 -11.02 3.27 -0.92
CA PRO A 188 -11.29 3.86 -2.23
C PRO A 188 -9.95 4.25 -2.91
N PRO A 189 -9.97 4.49 -4.25
CA PRO A 189 -8.78 4.85 -5.02
C PRO A 189 -8.12 6.10 -4.50
N SER A 190 -8.93 7.12 -4.22
CA SER A 190 -8.42 8.38 -3.69
C SER A 190 -8.44 8.31 -2.13
N TRP A 191 -7.30 8.69 -1.54
CA TRP A 191 -7.13 8.76 -0.08
C TRP A 191 -7.16 10.17 0.50
N ASP A 192 -7.69 11.15 -0.25
CA ASP A 192 -7.92 12.45 0.32
C ASP A 192 -8.79 12.29 1.55
N TYR A 193 -8.47 13.05 2.59
CA TYR A 193 -9.18 12.90 3.85
C TYR A 193 -9.32 14.22 4.61
N TRP A 194 -10.22 14.21 5.59
CA TRP A 194 -10.22 15.20 6.65
C TRP A 194 -9.71 14.56 7.94
N THR A 195 -9.22 15.39 8.84
CA THR A 195 -8.65 14.92 10.08
C THR A 195 -8.98 15.89 11.19
N TYR A 196 -9.22 15.33 12.37
CA TYR A 196 -9.54 16.13 13.56
C TYR A 196 -9.27 15.28 14.78
N PRO A 197 -9.08 15.92 15.95
CA PRO A 197 -8.90 15.16 17.19
C PRO A 197 -10.29 14.77 17.76
N GLY A 198 -10.47 13.48 18.06
CA GLY A 198 -11.71 13.06 18.58
C GLY A 198 -11.58 11.86 19.49
N SER A 199 -12.54 10.98 19.40
CA SER A 199 -12.75 9.93 20.41
C SER A 199 -13.12 8.62 19.79
N LEU A 200 -13.19 7.56 20.66
CA LEU A 200 -13.98 6.34 20.34
C LEU A 200 -15.41 6.76 20.18
N THR A 201 -16.05 6.17 19.19
CA THR A 201 -17.49 6.41 18.98
C THR A 201 -18.32 5.46 19.74
N VAL A 202 -17.64 4.62 20.53
CA VAL A 202 -18.34 3.63 21.35
C VAL A 202 -17.81 3.83 22.80
N PRO A 203 -18.65 3.56 23.82
CA PRO A 203 -18.13 3.54 25.22
C PRO A 203 -16.82 2.70 25.27
N PRO A 204 -15.78 3.13 26.03
CA PRO A 204 -15.75 4.28 26.92
C PRO A 204 -15.55 5.67 26.30
N LEU A 205 -15.61 5.84 24.97
CA LEU A 205 -15.69 7.20 24.35
C LEU A 205 -14.43 7.99 24.67
N LEU A 206 -13.32 7.25 24.83
CA LEU A 206 -12.05 7.96 25.20
C LEU A 206 -11.57 8.91 24.13
N GLU A 207 -11.08 10.06 24.56
CA GLU A 207 -10.63 11.09 23.65
C GLU A 207 -9.16 10.92 23.32
N SER A 208 -8.91 9.90 22.53
CA SER A 208 -7.58 9.37 22.29
C SER A 208 -7.33 9.17 20.77
N VAL A 209 -8.28 9.61 19.95
CA VAL A 209 -8.30 9.23 18.48
C VAL A 209 -7.97 10.42 17.58
N THR A 210 -6.92 10.27 16.78
CA THR A 210 -6.72 11.07 15.56
C THR A 210 -7.56 10.44 14.43
N TRP A 211 -8.64 11.15 14.09
CA TRP A 211 -9.57 10.70 13.02
C TRP A 211 -9.05 11.09 11.65
N ILE A 212 -9.10 10.15 10.72
CA ILE A 212 -8.70 10.35 9.36
C ILE A 212 -9.85 9.77 8.54
N VAL A 213 -10.72 10.67 8.05
CA VAL A 213 -11.97 10.33 7.38
C VAL A 213 -11.80 10.57 5.90
N LEU A 214 -11.86 9.48 5.09
CA LEU A 214 -11.56 9.60 3.65
C LEU A 214 -12.78 10.25 2.97
N LYS A 215 -12.57 11.15 2.02
CA LYS A 215 -13.62 11.83 1.34
C LYS A 215 -14.35 10.87 0.40
N GLN A 216 -13.62 9.96 -0.25
CA GLN A 216 -14.26 9.16 -1.35
C GLN A 216 -14.92 7.89 -0.79
N PRO A 217 -16.23 7.72 -1.01
CA PRO A 217 -16.88 6.50 -0.53
C PRO A 217 -16.57 5.24 -1.39
N ILE A 218 -16.76 4.05 -0.81
CA ILE A 218 -16.70 2.86 -1.63
C ILE A 218 -18.16 2.41 -1.75
N ASN A 219 -18.44 1.37 -2.52
CA ASN A 219 -19.82 0.96 -2.75
C ASN A 219 -20.16 -0.26 -1.91
N ILE A 220 -21.43 -0.41 -1.61
CA ILE A 220 -21.96 -1.63 -1.02
C ILE A 220 -23.38 -1.73 -1.63
N SER A 221 -23.80 -2.94 -1.96
CA SER A 221 -25.19 -3.09 -2.39
C SER A 221 -26.12 -3.17 -1.23
N SER A 222 -27.39 -2.85 -1.50
CA SER A 222 -28.38 -3.01 -0.49
C SER A 222 -28.48 -4.45 0.05
N GLN A 223 -28.31 -5.43 -0.83
CA GLN A 223 -28.28 -6.86 -0.45
C GLN A 223 -27.15 -7.23 0.46
N GLN A 224 -25.97 -6.66 0.18
CA GLN A 224 -24.80 -6.95 0.99
C GLN A 224 -25.04 -6.38 2.40
N LEU A 225 -25.49 -5.13 2.45
CA LEU A 225 -25.60 -4.38 3.70
C LEU A 225 -26.62 -5.02 4.66
N ALA A 226 -27.75 -5.47 4.11
CA ALA A 226 -28.79 -6.15 4.85
C ALA A 226 -28.28 -7.34 5.66
N LYS A 227 -27.28 -8.02 5.15
CA LYS A 227 -26.64 -9.14 5.87
C LYS A 227 -26.02 -8.76 7.20
N PHE A 228 -25.45 -7.57 7.31
CA PHE A 228 -24.90 -7.14 8.64
C PHE A 228 -25.98 -6.92 9.69
N ARG A 229 -27.17 -6.53 9.22
CA ARG A 229 -28.31 -6.37 10.12
C ARG A 229 -28.87 -7.67 10.71
N SER A 230 -28.48 -8.83 10.18
CA SER A 230 -28.94 -10.05 10.84
C SER A 230 -27.92 -10.65 11.83
N LEU A 231 -26.80 -9.91 12.00
CA LEU A 231 -26.06 -10.11 13.26
C LEU A 231 -26.88 -9.87 14.53
N LEU A 232 -26.66 -10.72 15.55
CA LEU A 232 -27.26 -10.46 16.83
C LEU A 232 -26.36 -9.62 17.74
N CYS A 233 -26.98 -8.77 18.56
CA CYS A 233 -26.27 -8.13 19.65
C CYS A 233 -26.34 -8.95 20.96
N THR A 234 -26.80 -10.18 20.85
CA THR A 234 -27.09 -11.05 21.98
C THR A 234 -26.36 -12.39 21.84
N ALA A 235 -26.02 -12.97 22.97
CA ALA A 235 -25.17 -14.15 22.96
C ALA A 235 -26.08 -15.39 22.88
N GLU A 236 -25.49 -16.52 22.54
CA GLU A 236 -26.19 -17.79 22.47
C GLU A 236 -26.81 -18.03 23.86
N GLY A 237 -28.10 -18.35 23.89
CA GLY A 237 -28.84 -18.51 25.17
C GLY A 237 -29.43 -17.24 25.80
N GLU A 238 -29.35 -16.10 25.08
CA GLU A 238 -29.95 -14.84 25.58
C GLU A 238 -31.06 -14.54 24.57
N ALA A 239 -32.13 -13.85 24.98
CA ALA A 239 -33.26 -13.53 24.07
C ALA A 239 -32.67 -12.78 22.87
N ALA A 240 -32.82 -13.34 21.68
CA ALA A 240 -32.27 -12.76 20.47
C ALA A 240 -32.78 -11.31 20.19
N ALA A 241 -31.82 -10.45 19.86
CA ALA A 241 -32.15 -9.11 19.36
C ALA A 241 -31.13 -8.88 18.25
N PHE A 242 -31.60 -8.29 17.17
CA PHE A 242 -30.78 -8.05 15.99
C PHE A 242 -30.02 -6.74 16.10
N LEU A 243 -28.80 -6.77 15.55
CA LEU A 243 -28.00 -5.55 15.49
C LEU A 243 -28.32 -4.76 14.20
N VAL A 244 -29.52 -4.10 14.11
CA VAL A 244 -29.96 -3.52 12.82
C VAL A 244 -29.40 -2.16 12.58
N SER A 245 -28.88 -1.54 13.66
CA SER A 245 -28.30 -0.19 13.64
C SER A 245 -27.21 -0.12 14.75
N ASN A 246 -26.07 0.47 14.42
CA ASN A 246 -24.94 0.50 15.41
C ASN A 246 -24.05 1.73 15.17
N HIS A 247 -24.72 2.85 14.93
CA HIS A 247 -24.05 4.11 14.63
C HIS A 247 -24.38 5.17 15.69
N ARG A 248 -23.36 5.94 16.06
CA ARG A 248 -23.57 7.03 16.99
C ARG A 248 -23.76 8.31 16.20
N PRO A 249 -24.73 9.21 16.62
CA PRO A 249 -24.88 10.54 16.01
C PRO A 249 -23.65 11.44 16.18
N PRO A 250 -23.39 12.34 15.18
CA PRO A 250 -22.38 13.36 15.29
C PRO A 250 -22.56 14.16 16.53
N GLN A 251 -21.43 14.53 17.09
CA GLN A 251 -21.39 15.27 18.34
C GLN A 251 -20.83 16.67 17.96
N PRO A 252 -21.12 17.68 18.78
CA PRO A 252 -20.66 19.06 18.42
C PRO A 252 -19.16 19.19 18.38
N LEU A 253 -18.64 20.07 17.50
CA LEU A 253 -17.19 20.32 17.37
C LEU A 253 -16.56 20.95 18.59
N LYS A 254 -17.33 21.81 19.25
CA LYS A 254 -16.91 22.49 20.44
C LYS A 254 -15.61 23.26 20.32
N GLY A 255 -15.38 23.90 19.17
CA GLY A 255 -14.18 24.72 18.93
C GLY A 255 -13.10 24.04 18.11
N ARG A 256 -13.21 22.72 17.92
CA ARG A 256 -12.19 22.00 17.11
C ARG A 256 -12.31 22.39 15.66
N LYS A 257 -11.20 22.30 14.95
CA LYS A 257 -11.22 22.62 13.53
C LYS A 257 -10.81 21.35 12.72
N VAL A 258 -11.55 21.04 11.68
CA VAL A 258 -11.28 19.91 10.79
C VAL A 258 -10.35 20.39 9.70
N ARG A 259 -9.26 19.67 9.48
CA ARG A 259 -8.31 19.95 8.39
C ARG A 259 -8.47 18.98 7.23
N ALA A 260 -8.14 19.45 6.03
CA ALA A 260 -8.20 18.66 4.83
C ALA A 260 -6.81 18.48 4.22
N SER A 261 -6.58 17.26 3.72
CA SER A 261 -5.37 16.90 3.11
C SER A 261 -5.21 17.43 1.67
N PHE A 262 -6.24 18.13 1.19
CA PHE A 262 -6.45 18.36 -0.23
C PHE A 262 -7.15 19.70 -0.44
N HIS A 263 -6.94 20.30 -1.62
CA HIS A 263 -7.66 21.52 -1.96
C HIS A 263 -8.18 21.53 -3.36
N LEU B 5 19.89 -8.92 -30.24
CA LEU B 5 20.21 -10.41 -30.13
C LEU B 5 21.40 -10.75 -29.21
N SER B 6 22.48 -9.97 -29.26
CA SER B 6 23.65 -10.28 -28.45
C SER B 6 24.07 -9.02 -27.72
N TRP B 7 23.10 -8.13 -27.47
CA TRP B 7 23.32 -6.94 -26.65
C TRP B 7 23.76 -7.33 -25.23
N GLY B 8 24.49 -6.47 -24.56
CA GLY B 8 24.95 -6.80 -23.26
C GLY B 8 25.44 -5.52 -22.60
N TYR B 9 26.43 -5.67 -21.71
CA TYR B 9 26.99 -4.51 -21.10
C TYR B 9 28.49 -4.50 -21.30
N ARG B 10 28.94 -5.25 -22.29
CA ARG B 10 30.37 -5.29 -22.59
C ARG B 10 30.73 -4.18 -23.59
N GLU B 11 32.02 -4.04 -23.82
CA GLU B 11 32.50 -3.01 -24.72
C GLU B 11 31.83 -2.96 -26.11
N HIS B 12 31.73 -4.12 -26.73
N HIS B 12 31.72 -4.10 -26.78
CA HIS B 12 31.22 -4.28 -28.10
CA HIS B 12 31.22 -4.11 -28.16
C HIS B 12 29.71 -4.12 -28.16
C HIS B 12 29.73 -4.47 -28.27
N ASN B 13 29.06 -4.60 -27.12
CA ASN B 13 27.60 -4.84 -27.16
C ASN B 13 26.83 -3.98 -26.19
N GLY B 14 27.56 -3.06 -25.54
CA GLY B 14 27.08 -2.26 -24.38
C GLY B 14 26.13 -1.12 -24.75
N PRO B 15 25.52 -0.45 -23.74
CA PRO B 15 24.57 0.63 -23.93
C PRO B 15 24.83 1.60 -25.13
N ILE B 16 26.08 2.03 -25.30
N ILE B 16 26.06 2.07 -25.32
CA ILE B 16 26.48 2.90 -26.41
CA ILE B 16 26.34 2.97 -26.44
C ILE B 16 26.16 2.32 -27.80
C ILE B 16 26.11 2.32 -27.82
N HIS B 17 26.14 1.00 -27.90
CA HIS B 17 25.94 0.32 -29.16
C HIS B 17 24.53 -0.18 -29.36
N TRP B 18 23.64 0.02 -28.37
CA TRP B 18 22.30 -0.58 -28.45
C TRP B 18 21.43 -0.04 -29.57
N LYS B 19 21.62 1.23 -29.91
CA LYS B 19 20.92 1.90 -31.01
C LYS B 19 21.21 1.19 -32.36
N GLU B 20 22.35 0.51 -32.45
CA GLU B 20 22.75 -0.20 -33.67
C GLU B 20 21.70 -1.21 -34.03
N PHE B 21 21.10 -1.82 -33.02
CA PHE B 21 20.07 -2.78 -33.27
C PHE B 21 18.64 -2.46 -32.73
N PHE B 22 18.54 -1.43 -31.90
CA PHE B 22 17.26 -0.90 -31.41
C PHE B 22 17.29 0.61 -31.48
N PRO B 23 16.99 1.15 -32.67
CA PRO B 23 17.06 2.62 -32.91
C PRO B 23 16.31 3.47 -31.88
N ILE B 24 15.24 2.91 -31.26
CA ILE B 24 14.47 3.66 -30.23
C ILE B 24 15.33 4.08 -29.01
N ALA B 25 16.52 3.50 -28.92
CA ALA B 25 17.56 3.89 -27.97
C ALA B 25 17.79 5.38 -27.98
N ASP B 26 17.56 6.01 -29.16
CA ASP B 26 17.65 7.46 -29.35
C ASP B 26 16.30 8.21 -29.32
N GLY B 27 15.28 7.55 -28.76
CA GLY B 27 13.92 8.08 -28.62
C GLY B 27 13.78 9.28 -27.69
N ASP B 28 12.58 9.86 -27.70
CA ASP B 28 12.28 10.99 -26.83
C ASP B 28 11.84 10.60 -25.43
N GLN B 29 11.53 9.33 -25.17
CA GLN B 29 11.05 8.91 -23.81
C GLN B 29 11.92 7.78 -23.25
N GLN B 30 13.22 8.00 -23.28
CA GLN B 30 14.15 7.01 -22.87
C GLN B 30 14.52 7.07 -21.37
N SER B 31 14.86 5.88 -20.84
CA SER B 31 15.22 5.71 -19.42
C SER B 31 16.53 4.96 -19.25
N PRO B 32 17.26 5.14 -18.11
CA PRO B 32 16.86 5.95 -16.94
C PRO B 32 17.26 7.41 -17.19
N ILE B 33 17.15 8.24 -16.17
CA ILE B 33 17.39 9.69 -16.30
C ILE B 33 18.09 10.22 -15.06
N GLU B 34 18.65 11.42 -15.16
CA GLU B 34 19.03 12.20 -14.04
C GLU B 34 17.72 12.81 -13.49
N ILE B 35 17.54 12.64 -12.19
CA ILE B 35 16.50 13.34 -11.45
C ILE B 35 17.13 14.55 -10.78
N LYS B 36 16.77 15.74 -11.27
CA LYS B 36 17.32 16.99 -10.68
C LYS B 36 16.20 17.57 -9.82
N THR B 37 16.38 17.51 -8.50
CA THR B 37 15.28 17.77 -7.58
C THR B 37 14.74 19.22 -7.60
N LYS B 38 15.57 20.18 -8.04
CA LYS B 38 15.13 21.53 -8.16
C LYS B 38 14.25 21.71 -9.36
N GLU B 39 14.31 20.77 -10.33
CA GLU B 39 13.51 20.86 -11.53
C GLU B 39 12.22 20.04 -11.49
N VAL B 40 12.05 19.24 -10.45
CA VAL B 40 10.99 18.30 -10.34
C VAL B 40 9.79 19.11 -9.94
N LYS B 41 8.63 18.80 -10.49
CA LYS B 41 7.40 19.49 -10.06
C LYS B 41 6.55 18.67 -9.06
N TYR B 42 6.37 19.19 -7.84
CA TYR B 42 5.39 18.62 -6.93
C TYR B 42 4.02 18.60 -7.61
N ASP B 43 3.35 17.46 -7.67
CA ASP B 43 2.04 17.40 -8.30
C ASP B 43 1.11 16.86 -7.24
N SER B 44 0.23 17.73 -6.71
CA SER B 44 -0.75 17.32 -5.65
C SER B 44 -1.81 16.29 -6.08
N SER B 45 -1.99 16.11 -7.40
CA SER B 45 -2.88 15.09 -7.90
C SER B 45 -2.27 13.65 -7.81
N LEU B 46 -0.97 13.56 -7.56
CA LEU B 46 -0.34 12.23 -7.46
C LEU B 46 -0.86 11.55 -6.20
N ARG B 47 -1.10 10.26 -6.30
CA ARG B 47 -1.61 9.48 -5.20
C ARG B 47 -0.51 8.79 -4.44
N PRO B 48 -0.69 8.50 -3.11
CA PRO B 48 0.24 7.52 -2.49
C PRO B 48 0.21 6.16 -3.18
N LEU B 49 1.29 5.38 -3.10
CA LEU B 49 1.30 4.08 -3.79
C LEU B 49 0.39 3.14 -2.95
N SER B 50 -0.43 2.37 -3.66
CA SER B 50 -1.24 1.30 -3.11
C SER B 50 -0.62 -0.05 -3.53
N ILE B 51 -0.06 -0.77 -2.53
CA ILE B 51 0.85 -1.84 -2.87
C ILE B 51 0.38 -3.11 -2.23
N LYS B 52 0.20 -4.13 -3.06
CA LYS B 52 -0.22 -5.42 -2.56
C LYS B 52 0.65 -6.49 -3.19
N TYR B 53 1.51 -7.13 -2.42
CA TYR B 53 2.45 -8.13 -2.96
C TYR B 53 2.38 -9.38 -2.06
N ASP B 54 1.94 -10.48 -2.66
CA ASP B 54 1.67 -11.75 -1.99
C ASP B 54 3.03 -12.49 -2.07
N PRO B 55 3.70 -12.70 -0.93
CA PRO B 55 4.96 -13.46 -0.93
C PRO B 55 4.90 -14.81 -1.69
N SER B 56 3.72 -15.40 -1.88
CA SER B 56 3.58 -16.73 -2.48
C SER B 56 3.59 -16.61 -4.02
N SER B 57 3.48 -15.36 -4.49
CA SER B 57 3.50 -15.04 -5.94
C SER B 57 4.87 -15.36 -6.59
N ALA B 58 5.96 -15.09 -5.89
CA ALA B 58 7.29 -15.38 -6.44
C ALA B 58 7.44 -16.88 -6.69
N LYS B 59 7.92 -17.27 -7.89
CA LYS B 59 8.02 -18.69 -8.19
C LYS B 59 9.49 -19.22 -8.48
N ILE B 60 10.21 -18.42 -9.28
CA ILE B 60 11.46 -18.83 -9.91
C ILE B 60 12.42 -17.66 -9.84
N ILE B 61 13.69 -17.97 -9.65
CA ILE B 61 14.78 -17.00 -9.92
C ILE B 61 15.72 -17.53 -11.03
N SER B 62 16.03 -16.69 -12.01
CA SER B 62 16.84 -17.12 -13.13
C SER B 62 17.94 -16.10 -13.44
N ASN B 63 19.01 -16.60 -14.05
CA ASN B 63 19.98 -15.73 -14.65
C ASN B 63 19.61 -15.47 -16.10
N SER B 64 19.19 -14.23 -16.43
CA SER B 64 18.88 -13.86 -17.82
C SER B 64 20.16 -13.64 -18.70
N GLY B 65 21.33 -13.56 -18.08
CA GLY B 65 22.48 -13.05 -18.78
C GLY B 65 22.68 -11.59 -18.50
N HIS B 66 21.61 -10.87 -18.11
CA HIS B 66 21.57 -9.39 -17.98
C HIS B 66 21.35 -8.85 -16.53
N SER B 67 20.86 -9.77 -15.68
CA SER B 67 20.53 -9.64 -14.25
C SER B 67 20.08 -10.99 -13.74
N PHE B 68 19.70 -11.07 -12.45
CA PHE B 68 18.76 -12.15 -12.06
C PHE B 68 17.32 -11.65 -12.34
N ASN B 69 16.38 -12.56 -12.69
CA ASN B 69 14.94 -12.22 -12.73
C ASN B 69 14.25 -13.11 -11.69
N VAL B 70 13.56 -12.49 -10.73
CA VAL B 70 12.56 -13.21 -9.94
C VAL B 70 11.24 -13.16 -10.71
N ASP B 71 10.74 -14.32 -11.17
CA ASP B 71 9.47 -14.31 -11.88
C ASP B 71 8.31 -14.66 -10.96
N PHE B 72 7.25 -13.86 -11.08
CA PHE B 72 6.04 -14.02 -10.22
C PHE B 72 4.96 -14.65 -11.09
N ASP B 73 4.11 -15.42 -10.45
CA ASP B 73 2.89 -15.92 -11.15
C ASP B 73 1.93 -14.75 -11.36
N ASP B 74 1.76 -14.28 -12.60
CA ASP B 74 0.89 -13.15 -12.81
C ASP B 74 -0.36 -13.72 -13.51
N THR B 75 -0.76 -14.94 -13.12
CA THR B 75 -2.05 -15.56 -13.60
C THR B 75 -3.26 -14.72 -13.23
N GLU B 76 -3.32 -14.23 -12.00
CA GLU B 76 -4.38 -13.31 -11.61
C GLU B 76 -3.83 -12.13 -10.84
N ASN B 77 -4.74 -11.39 -10.22
CA ASN B 77 -4.42 -10.13 -9.54
C ASN B 77 -4.13 -10.31 -8.04
N LYS B 78 -3.40 -11.33 -7.64
CA LYS B 78 -2.93 -11.44 -6.21
C LYS B 78 -1.96 -10.28 -5.82
N SER B 79 -1.09 -9.87 -6.75
CA SER B 79 -0.03 -8.90 -6.46
C SER B 79 -0.19 -7.78 -7.48
N VAL B 80 -0.56 -6.57 -6.97
CA VAL B 80 -0.84 -5.44 -7.85
C VAL B 80 -0.32 -4.13 -7.28
N LEU B 81 0.04 -3.25 -8.20
CA LEU B 81 0.35 -1.93 -7.81
C LEU B 81 -0.75 -0.98 -8.35
N ARG B 82 -1.22 -0.08 -7.47
CA ARG B 82 -2.23 0.95 -7.82
C ARG B 82 -1.82 2.28 -7.19
N GLY B 83 -2.62 3.32 -7.42
CA GLY B 83 -2.35 4.63 -6.87
C GLY B 83 -1.12 5.17 -7.58
N GLY B 84 -0.31 5.95 -6.86
CA GLY B 84 0.79 6.68 -7.51
C GLY B 84 0.28 7.55 -8.66
N PRO B 85 0.99 7.55 -9.83
CA PRO B 85 0.53 8.26 -11.07
C PRO B 85 -0.36 7.40 -11.93
N LEU B 86 -0.71 6.19 -11.48
CA LEU B 86 -1.30 5.20 -12.37
C LEU B 86 -2.82 5.24 -12.39
N THR B 87 -3.36 4.95 -13.56
CA THR B 87 -4.78 4.70 -13.70
C THR B 87 -4.95 3.21 -13.81
N GLY B 88 -5.68 2.66 -12.87
CA GLY B 88 -6.00 1.23 -12.94
C GLY B 88 -4.94 0.38 -12.22
N SER B 89 -4.92 -0.90 -12.52
CA SER B 89 -4.22 -1.86 -11.65
C SER B 89 -3.17 -2.49 -12.50
N TYR B 90 -1.94 -2.44 -12.00
CA TYR B 90 -0.75 -3.01 -12.68
C TYR B 90 -0.31 -4.20 -11.93
N ARG B 91 -0.25 -5.31 -12.64
CA ARG B 91 -0.05 -6.60 -12.03
C ARG B 91 1.49 -6.89 -11.98
N LEU B 92 1.95 -7.32 -10.81
CA LEU B 92 3.36 -7.77 -10.63
C LEU B 92 3.79 -8.91 -11.54
N ARG B 93 4.89 -8.69 -12.27
CA ARG B 93 5.39 -9.69 -13.15
C ARG B 93 6.78 -10.20 -12.71
N GLN B 94 7.70 -9.29 -12.45
CA GLN B 94 9.08 -9.73 -12.33
C GLN B 94 9.88 -8.76 -11.50
N VAL B 95 10.98 -9.20 -10.85
CA VAL B 95 11.88 -8.27 -10.16
C VAL B 95 13.33 -8.57 -10.62
N HIS B 96 14.12 -7.50 -10.80
CA HIS B 96 15.51 -7.67 -11.15
C HIS B 96 16.31 -6.51 -10.54
N LEU B 97 17.61 -6.56 -10.75
CA LEU B 97 18.52 -5.64 -10.13
C LEU B 97 19.60 -5.16 -11.07
N HIS B 98 19.96 -3.89 -10.93
CA HIS B 98 21.06 -3.35 -11.66
C HIS B 98 22.13 -2.87 -10.63
N TRP B 99 23.38 -2.98 -11.02
CA TRP B 99 24.51 -2.62 -10.22
C TRP B 99 25.67 -2.20 -11.15
N GLY B 100 26.78 -1.83 -10.54
CA GLY B 100 28.00 -1.44 -11.26
C GLY B 100 29.19 -2.24 -10.77
N SER B 101 30.36 -2.01 -11.35
CA SER B 101 31.58 -2.69 -10.81
C SER B 101 32.12 -2.13 -9.47
N ALA B 102 31.67 -0.96 -9.05
CA ALA B 102 32.08 -0.34 -7.82
C ALA B 102 30.79 0.06 -7.08
N ASP B 103 30.82 0.00 -5.75
CA ASP B 103 29.70 0.32 -4.88
C ASP B 103 29.20 1.75 -4.94
N ASP B 104 30.00 2.64 -5.53
CA ASP B 104 29.71 4.07 -5.52
C ASP B 104 28.94 4.50 -6.80
N HIS B 105 28.75 3.55 -7.74
CA HIS B 105 28.17 3.85 -9.02
C HIS B 105 27.44 2.65 -9.69
N GLY B 106 26.32 2.24 -9.14
CA GLY B 106 25.61 1.08 -9.70
C GLY B 106 24.17 1.29 -10.12
N SER B 107 23.56 2.40 -9.71
CA SER B 107 22.14 2.66 -10.02
C SER B 107 21.94 3.17 -11.49
N GLU B 108 20.70 3.09 -11.99
CA GLU B 108 20.33 3.58 -13.32
C GLU B 108 19.88 5.08 -13.23
N HIS B 109 18.86 5.34 -12.43
CA HIS B 109 18.52 6.70 -12.03
C HIS B 109 19.60 7.26 -11.11
N ILE B 110 19.82 8.56 -11.26
CA ILE B 110 20.86 9.30 -10.53
C ILE B 110 20.08 10.49 -10.00
N VAL B 111 20.35 10.89 -8.78
CA VAL B 111 19.60 11.93 -8.16
C VAL B 111 20.56 13.04 -7.81
N ASP B 112 20.42 14.18 -8.51
CA ASP B 112 21.35 15.26 -8.37
C ASP B 112 22.82 14.79 -8.35
N GLY B 113 23.16 14.01 -9.36
CA GLY B 113 24.50 13.41 -9.46
C GLY B 113 24.83 12.23 -8.57
N VAL B 114 23.96 11.94 -7.59
CA VAL B 114 24.18 10.79 -6.67
C VAL B 114 23.74 9.49 -7.37
N SER B 115 24.72 8.65 -7.65
N SER B 115 24.69 8.59 -7.59
CA SER B 115 24.46 7.26 -8.03
CA SER B 115 24.37 7.27 -8.11
C SER B 115 24.32 6.51 -6.75
C SER B 115 24.56 6.23 -7.03
N TYR B 116 23.51 5.45 -6.77
CA TYR B 116 23.47 4.53 -5.67
C TYR B 116 24.30 3.30 -5.94
N ALA B 117 24.48 2.44 -4.94
CA ALA B 117 25.20 1.20 -5.16
C ALA B 117 24.50 0.23 -6.15
N ALA B 118 23.16 0.22 -6.11
CA ALA B 118 22.36 -0.64 -6.97
C ALA B 118 20.96 -0.11 -7.06
N GLU B 119 20.19 -0.72 -7.98
CA GLU B 119 18.81 -0.31 -8.15
C GLU B 119 17.93 -1.49 -8.50
N LEU B 120 16.90 -1.66 -7.66
CA LEU B 120 15.96 -2.74 -7.79
C LEU B 120 14.79 -2.25 -8.61
N HIS B 121 14.38 -3.07 -9.57
CA HIS B 121 13.23 -2.74 -10.42
C HIS B 121 12.14 -3.78 -10.25
N VAL B 122 10.93 -3.31 -9.98
CA VAL B 122 9.78 -4.16 -9.81
C VAL B 122 8.87 -3.85 -11.01
N VAL B 123 8.64 -4.85 -11.86
CA VAL B 123 8.02 -4.64 -13.19
C VAL B 123 6.54 -5.10 -13.10
N HIS B 124 5.63 -4.26 -13.54
CA HIS B 124 4.18 -4.54 -13.48
C HIS B 124 3.55 -4.23 -14.83
N TRP B 125 2.39 -4.82 -15.11
CA TRP B 125 1.72 -4.47 -16.35
C TRP B 125 0.20 -4.28 -16.14
N ASN B 126 -0.38 -3.44 -16.99
CA ASN B 126 -1.75 -2.95 -16.94
C ASN B 126 -2.72 -4.03 -17.44
N SER B 127 -3.23 -4.87 -16.52
CA SER B 127 -4.17 -5.91 -16.94
C SER B 127 -5.63 -5.39 -16.98
N ASP B 128 -5.83 -4.14 -16.54
CA ASP B 128 -7.13 -3.49 -16.72
C ASP B 128 -7.36 -3.14 -18.17
N LYS B 129 -6.28 -2.95 -18.94
CA LYS B 129 -6.43 -2.51 -20.30
C LYS B 129 -5.93 -3.54 -21.26
N TYR B 130 -4.98 -4.38 -20.79
CA TYR B 130 -4.30 -5.33 -21.70
C TYR B 130 -4.45 -6.79 -21.26
N PRO B 131 -4.53 -7.69 -22.23
CA PRO B 131 -4.78 -9.09 -21.93
C PRO B 131 -3.49 -9.80 -21.44
N SER B 132 -2.32 -9.23 -21.71
CA SER B 132 -1.06 -9.90 -21.37
C SER B 132 0.08 -8.86 -21.26
N PHE B 133 1.13 -9.28 -20.56
CA PHE B 133 2.36 -8.50 -20.47
C PHE B 133 2.89 -8.07 -21.80
N VAL B 134 3.02 -9.03 -22.74
CA VAL B 134 3.51 -8.76 -24.11
C VAL B 134 2.73 -7.65 -24.81
N GLU B 135 1.40 -7.71 -24.72
CA GLU B 135 0.61 -6.62 -25.30
C GLU B 135 0.80 -5.29 -24.59
N ALA B 136 0.88 -5.36 -23.26
CA ALA B 136 1.00 -4.18 -22.40
C ALA B 136 2.36 -3.47 -22.66
N ALA B 137 3.37 -4.29 -22.87
CA ALA B 137 4.76 -3.82 -23.13
C ALA B 137 4.94 -2.90 -24.29
N HIS B 138 3.95 -2.83 -25.19
CA HIS B 138 4.04 -2.03 -26.44
C HIS B 138 3.05 -0.88 -26.47
N GLU B 139 2.54 -0.49 -25.30
N GLU B 139 2.60 -0.46 -25.29
CA GLU B 139 1.69 0.68 -25.21
CA GLU B 139 1.65 0.62 -25.16
C GLU B 139 2.20 1.62 -24.12
C GLU B 139 2.17 1.61 -24.08
N PRO B 140 2.03 2.94 -24.33
CA PRO B 140 2.62 3.96 -23.39
C PRO B 140 2.15 3.86 -21.96
N ASP B 141 0.92 3.42 -21.78
CA ASP B 141 0.36 3.21 -20.46
C ASP B 141 0.37 1.72 -19.99
N GLY B 142 1.12 0.88 -20.70
CA GLY B 142 1.13 -0.57 -20.47
C GLY B 142 1.91 -1.09 -19.24
N LEU B 143 3.10 -0.54 -19.00
CA LEU B 143 3.99 -0.96 -17.90
C LEU B 143 4.13 0.08 -16.78
N ALA B 144 4.39 -0.39 -15.55
CA ALA B 144 4.90 0.52 -14.52
C ALA B 144 6.02 -0.21 -13.82
N VAL B 145 7.11 0.52 -13.63
CA VAL B 145 8.29 -0.03 -12.97
C VAL B 145 8.53 0.78 -11.72
N LEU B 146 8.60 0.08 -10.58
CA LEU B 146 8.93 0.66 -9.32
C LEU B 146 10.45 0.49 -9.12
N GLY B 147 11.10 1.62 -8.87
CA GLY B 147 12.57 1.65 -8.77
C GLY B 147 12.87 1.87 -7.31
N VAL B 148 13.77 1.08 -6.76
CA VAL B 148 14.19 1.24 -5.39
C VAL B 148 15.71 1.27 -5.37
N PHE B 149 16.26 2.36 -4.85
CA PHE B 149 17.72 2.42 -4.71
C PHE B 149 18.26 1.52 -3.57
N LEU B 150 19.46 0.98 -3.77
CA LEU B 150 20.21 0.32 -2.66
C LEU B 150 21.46 1.07 -2.32
N GLN B 151 21.68 1.29 -1.03
CA GLN B 151 22.99 1.84 -0.62
C GLN B 151 23.70 0.81 0.28
N ILE B 152 25.02 0.93 0.38
CA ILE B 152 25.78 0.03 1.23
C ILE B 152 25.44 0.36 2.73
N GLY B 153 25.13 -0.66 3.50
CA GLY B 153 24.94 -0.50 4.93
C GLY B 153 24.86 -1.87 5.52
N GLU B 154 23.97 -2.06 6.49
CA GLU B 154 23.77 -3.40 7.05
C GLU B 154 23.31 -4.44 6.02
N PRO B 155 23.72 -5.71 6.21
CA PRO B 155 23.19 -6.80 5.36
C PRO B 155 21.64 -6.73 5.47
N ASN B 156 21.00 -7.14 4.40
CA ASN B 156 19.56 -7.10 4.26
C ASN B 156 19.14 -8.54 4.27
N SER B 157 18.44 -8.96 5.31
CA SER B 157 18.11 -10.37 5.48
C SER B 157 17.19 -10.85 4.37
N GLN B 158 16.38 -9.97 3.80
CA GLN B 158 15.57 -10.40 2.65
C GLN B 158 16.37 -10.57 1.34
N LEU B 159 17.42 -9.77 1.19
CA LEU B 159 18.26 -9.93 0.02
C LEU B 159 19.16 -11.13 0.16
N GLN B 160 19.37 -11.57 1.40
CA GLN B 160 20.18 -12.79 1.66
C GLN B 160 19.52 -13.99 1.03
N LYS B 161 18.19 -13.96 0.97
CA LYS B 161 17.46 -15.03 0.31
C LYS B 161 17.82 -15.17 -1.19
N ILE B 162 17.89 -14.04 -1.88
CA ILE B 162 18.37 -14.01 -3.26
C ILE B 162 19.85 -14.35 -3.40
N THR B 163 20.73 -13.70 -2.62
CA THR B 163 22.17 -14.01 -2.72
C THR B 163 22.49 -15.51 -2.48
N ASP B 164 21.67 -16.16 -1.66
CA ASP B 164 21.85 -17.58 -1.32
C ASP B 164 21.67 -18.50 -2.51
N THR B 165 20.92 -18.02 -3.49
CA THR B 165 20.57 -18.78 -4.68
C THR B 165 21.50 -18.60 -5.83
N LEU B 166 22.42 -17.64 -5.76
CA LEU B 166 23.19 -17.19 -6.96
C LEU B 166 24.19 -18.18 -7.46
N ASP B 167 24.81 -18.90 -6.53
CA ASP B 167 25.72 -20.00 -6.86
C ASP B 167 25.01 -21.04 -7.78
N SER B 168 23.74 -21.31 -7.49
CA SER B 168 22.94 -22.23 -8.27
C SER B 168 22.54 -21.75 -9.66
N ILE B 169 22.63 -20.43 -9.87
CA ILE B 169 22.32 -19.86 -11.16
C ILE B 169 23.44 -19.06 -11.82
N LYS B 170 24.68 -19.46 -11.60
CA LYS B 170 25.82 -18.72 -12.13
C LYS B 170 25.77 -18.53 -13.66
N GLU B 171 25.41 -19.58 -14.37
CA GLU B 171 25.39 -19.53 -15.84
C GLU B 171 24.09 -18.92 -16.35
N LYS B 172 24.23 -18.10 -17.39
CA LYS B 172 23.11 -17.58 -18.13
C LYS B 172 22.15 -18.71 -18.48
N GLY B 173 20.87 -18.49 -18.22
CA GLY B 173 19.88 -19.50 -18.49
C GLY B 173 19.51 -20.38 -17.33
N LYS B 174 20.37 -20.49 -16.29
CA LYS B 174 20.08 -21.33 -15.12
C LYS B 174 18.90 -20.74 -14.30
N GLN B 175 18.08 -21.61 -13.74
CA GLN B 175 17.00 -21.18 -12.88
C GLN B 175 16.87 -22.11 -11.70
N THR B 176 16.21 -21.60 -10.68
CA THR B 176 16.00 -22.32 -9.49
C THR B 176 14.67 -21.83 -8.87
N ARG B 177 14.06 -22.68 -8.03
CA ARG B 177 12.76 -22.31 -7.50
C ARG B 177 13.02 -21.33 -6.44
N PHE B 178 12.09 -20.37 -6.31
CA PHE B 178 12.25 -19.27 -5.38
C PHE B 178 10.88 -18.72 -5.01
N THR B 179 10.49 -18.85 -3.75
CA THR B 179 9.14 -18.39 -3.38
C THR B 179 9.19 -17.91 -1.94
N ASN B 180 8.05 -17.48 -1.40
CA ASN B 180 8.08 -16.78 -0.14
C ASN B 180 8.94 -15.50 -0.07
N PHE B 181 8.77 -14.62 -1.02
CA PHE B 181 9.54 -13.46 -1.06
C PHE B 181 8.62 -12.31 -0.65
N ASP B 182 8.89 -11.69 0.50
CA ASP B 182 8.02 -10.65 1.05
C ASP B 182 8.52 -9.34 0.46
N LEU B 183 8.15 -9.13 -0.81
CA LEU B 183 8.63 -8.00 -1.51
C LEU B 183 8.13 -6.71 -0.80
N LEU B 184 6.92 -6.78 -0.19
CA LEU B 184 6.35 -5.61 0.39
C LEU B 184 7.19 -5.10 1.59
N SER B 185 7.71 -6.07 2.34
CA SER B 185 8.62 -5.83 3.44
C SER B 185 9.96 -5.31 3.02
N LEU B 186 10.33 -5.59 1.80
CA LEU B 186 11.60 -5.17 1.28
C LEU B 186 11.66 -3.64 1.06
N LEU B 187 10.49 -3.03 0.81
CA LEU B 187 10.46 -1.65 0.41
C LEU B 187 10.88 -0.76 1.57
N PRO B 188 11.42 0.46 1.26
CA PRO B 188 11.85 1.33 2.35
C PRO B 188 10.64 1.86 3.13
N PRO B 189 10.87 2.42 4.30
CA PRO B 189 9.84 2.95 5.21
C PRO B 189 8.98 4.05 4.51
N SER B 190 9.67 4.94 3.77
CA SER B 190 9.01 6.00 2.97
C SER B 190 8.75 5.58 1.51
N TRP B 191 7.49 5.73 1.09
CA TRP B 191 7.18 5.51 -0.31
C TRP B 191 6.96 6.75 -1.19
N ASP B 192 7.55 7.84 -0.75
CA ASP B 192 7.62 9.04 -1.55
C ASP B 192 8.47 8.77 -2.81
N TYR B 193 8.00 9.31 -3.94
CA TYR B 193 8.53 8.95 -5.24
C TYR B 193 8.55 10.15 -6.22
N TRP B 194 9.37 9.99 -7.25
CA TRP B 194 9.35 10.76 -8.46
C TRP B 194 8.80 9.85 -9.55
N THR B 195 8.20 10.46 -10.59
CA THR B 195 7.56 9.73 -11.62
C THR B 195 7.71 10.54 -12.91
N TYR B 196 7.94 9.79 -13.99
CA TYR B 196 8.01 10.33 -15.33
C TYR B 196 7.71 9.24 -16.37
N PRO B 197 7.22 9.66 -17.56
CA PRO B 197 7.03 8.63 -18.59
C PRO B 197 8.36 8.28 -19.28
N GLY B 198 8.64 6.98 -19.43
CA GLY B 198 9.89 6.59 -20.04
C GLY B 198 9.83 5.22 -20.70
N SER B 199 10.92 4.48 -20.57
CA SER B 199 11.08 3.23 -21.35
C SER B 199 11.62 2.08 -20.51
N LEU B 200 11.62 0.87 -21.10
CA LEU B 200 12.59 -0.17 -20.67
C LEU B 200 14.03 0.41 -20.72
N THR B 201 14.83 0.06 -19.71
CA THR B 201 16.25 0.47 -19.67
C THR B 201 17.12 -0.60 -20.32
N VAL B 202 16.46 -1.62 -20.92
CA VAL B 202 17.16 -2.71 -21.61
C VAL B 202 16.49 -2.85 -22.97
N PRO B 203 17.23 -3.32 -23.98
CA PRO B 203 16.56 -3.71 -25.21
C PRO B 203 15.40 -4.68 -24.94
N PRO B 204 14.24 -4.46 -25.60
CA PRO B 204 14.03 -3.50 -26.74
C PRO B 204 13.67 -2.04 -26.48
N LEU B 205 13.88 -1.58 -25.25
CA LEU B 205 13.88 -0.15 -24.98
C LEU B 205 12.52 0.50 -25.30
N LEU B 206 11.44 -0.30 -25.29
CA LEU B 206 10.08 0.17 -25.58
C LEU B 206 9.64 1.26 -24.63
N GLU B 207 8.99 2.25 -25.22
CA GLU B 207 8.66 3.43 -24.46
C GLU B 207 7.25 3.25 -23.92
N SER B 208 7.14 2.32 -22.99
CA SER B 208 5.86 1.87 -22.48
C SER B 208 5.82 1.97 -20.95
N VAL B 209 6.78 2.64 -20.34
CA VAL B 209 6.95 2.53 -18.89
C VAL B 209 6.57 3.81 -18.10
N THR B 210 5.68 3.68 -17.10
CA THR B 210 5.52 4.74 -16.14
C THR B 210 6.54 4.43 -15.01
N TRP B 211 7.53 5.29 -14.88
CA TRP B 211 8.59 5.08 -13.91
C TRP B 211 8.09 5.67 -12.62
N ILE B 212 8.27 4.91 -11.54
CA ILE B 212 7.95 5.39 -10.19
C ILE B 212 9.23 5.05 -9.42
N VAL B 213 10.02 6.05 -9.08
CA VAL B 213 11.32 5.84 -8.39
C VAL B 213 11.19 6.37 -6.94
N LEU B 214 11.41 5.51 -5.98
CA LEU B 214 11.29 5.88 -4.55
C LEU B 214 12.51 6.74 -4.17
N LYS B 215 12.30 7.79 -3.38
CA LYS B 215 13.39 8.62 -2.87
C LYS B 215 14.33 7.85 -1.96
N GLN B 216 13.74 7.09 -1.03
CA GLN B 216 14.50 6.49 0.07
C GLN B 216 15.15 5.14 -0.33
N PRO B 217 16.49 5.04 -0.22
CA PRO B 217 17.13 3.73 -0.46
C PRO B 217 16.86 2.66 0.60
N ILE B 218 17.17 1.43 0.26
CA ILE B 218 17.22 0.33 1.24
C ILE B 218 18.70 -0.05 1.31
N ASN B 219 19.08 -0.83 2.31
N ASN B 219 19.01 -0.93 2.26
CA ASN B 219 20.49 -1.10 2.48
CA ASN B 219 20.37 -1.30 2.59
C ASN B 219 20.78 -2.53 2.03
C ASN B 219 20.76 -2.63 2.01
N ILE B 220 22.04 -2.75 1.68
CA ILE B 220 22.59 -4.03 1.30
C ILE B 220 24.05 -3.98 1.76
N SER B 221 24.62 -5.12 2.08
CA SER B 221 26.01 -5.06 2.47
C SER B 221 26.88 -5.10 1.22
N SER B 222 28.10 -4.62 1.33
N SER B 222 28.12 -4.62 1.33
CA SER B 222 28.98 -4.71 0.20
CA SER B 222 29.07 -4.72 0.22
C SER B 222 29.25 -6.16 -0.20
C SER B 222 29.21 -6.18 -0.21
N GLN B 223 29.29 -7.10 0.76
CA GLN B 223 29.46 -8.53 0.44
C GLN B 223 28.26 -9.15 -0.27
N GLN B 224 27.05 -8.79 0.14
CA GLN B 224 25.88 -9.27 -0.57
C GLN B 224 25.90 -8.74 -2.02
N LEU B 225 26.13 -7.42 -2.15
CA LEU B 225 26.11 -6.82 -3.47
C LEU B 225 27.15 -7.47 -4.41
N ALA B 226 28.36 -7.68 -3.88
CA ALA B 226 29.42 -8.32 -4.62
C ALA B 226 29.04 -9.66 -5.23
N LYS B 227 28.16 -10.42 -4.56
CA LYS B 227 27.69 -11.74 -5.07
C LYS B 227 27.05 -11.66 -6.44
N PHE B 228 26.39 -10.53 -6.76
CA PHE B 228 25.73 -10.42 -8.08
C PHE B 228 26.69 -10.32 -9.21
N ARG B 229 27.87 -9.76 -8.93
CA ARG B 229 28.91 -9.56 -9.97
C ARG B 229 29.52 -10.88 -10.44
N SER B 230 29.41 -11.92 -9.62
CA SER B 230 29.85 -13.25 -10.05
C SER B 230 28.83 -14.06 -10.84
N LEU B 231 27.65 -13.53 -11.10
CA LEU B 231 26.83 -14.12 -12.22
C LEU B 231 27.51 -14.02 -13.59
N LEU B 232 27.33 -14.98 -14.48
CA LEU B 232 27.89 -14.84 -15.87
C LEU B 232 26.85 -14.28 -16.79
N CYS B 233 27.30 -13.51 -17.79
CA CYS B 233 26.44 -13.09 -18.88
C CYS B 233 26.57 -14.10 -20.02
N THR B 234 27.24 -15.19 -19.75
CA THR B 234 27.51 -16.21 -20.78
C THR B 234 26.92 -17.56 -20.37
N ALA B 235 26.43 -18.32 -21.37
CA ALA B 235 25.81 -19.63 -21.11
C ALA B 235 26.83 -20.73 -20.80
N GLU B 236 26.35 -21.85 -20.26
CA GLU B 236 27.15 -23.12 -20.21
C GLU B 236 27.84 -23.39 -21.57
N GLY B 237 29.15 -23.64 -21.53
CA GLY B 237 29.91 -23.98 -22.76
C GLY B 237 30.42 -22.82 -23.61
N GLU B 238 29.96 -21.61 -23.30
CA GLU B 238 30.45 -20.38 -23.92
C GLU B 238 31.63 -19.89 -23.04
N ALA B 239 32.65 -19.30 -23.63
CA ALA B 239 33.73 -18.67 -22.83
C ALA B 239 33.20 -17.69 -21.72
N ALA B 240 33.54 -17.96 -20.45
CA ALA B 240 33.01 -17.20 -19.31
C ALA B 240 33.27 -15.68 -19.31
N ALA B 241 32.23 -14.93 -18.99
CA ALA B 241 32.40 -13.50 -18.78
C ALA B 241 31.43 -13.11 -17.67
N PHE B 242 31.94 -12.29 -16.76
CA PHE B 242 31.16 -11.91 -15.56
C PHE B 242 30.29 -10.69 -15.77
N LEU B 243 29.13 -10.71 -15.11
CA LEU B 243 28.25 -9.56 -15.21
C LEU B 243 28.63 -8.54 -14.09
N VAL B 244 29.76 -7.89 -14.24
CA VAL B 244 30.23 -7.03 -13.15
C VAL B 244 29.43 -5.70 -13.07
N SER B 245 28.75 -5.36 -14.16
CA SER B 245 28.02 -4.07 -14.26
C SER B 245 26.91 -4.24 -15.31
N ASN B 246 25.69 -3.80 -14.99
CA ASN B 246 24.56 -3.93 -15.89
C ASN B 246 23.59 -2.73 -15.73
N HIS B 247 24.12 -1.50 -15.77
CA HIS B 247 23.24 -0.36 -15.59
C HIS B 247 23.44 0.46 -16.83
N ARG B 248 22.35 1.06 -17.30
CA ARG B 248 22.40 1.88 -18.51
C ARG B 248 22.65 3.32 -18.09
N PRO B 249 23.51 4.08 -18.86
CA PRO B 249 23.68 5.51 -18.57
C PRO B 249 22.37 6.31 -18.64
N PRO B 250 22.31 7.49 -17.98
CA PRO B 250 21.08 8.31 -17.99
C PRO B 250 20.85 8.91 -19.39
N GLN B 251 19.60 9.13 -19.77
CA GLN B 251 19.29 9.43 -21.15
C GLN B 251 18.67 10.84 -21.14
N PRO B 252 18.73 11.58 -22.29
CA PRO B 252 18.17 12.93 -22.34
C PRO B 252 16.68 13.00 -21.96
N LEU B 253 16.34 13.92 -21.07
CA LEU B 253 14.98 14.14 -20.63
C LEU B 253 14.01 14.58 -21.76
N LYS B 254 14.56 15.37 -22.70
CA LYS B 254 13.85 15.86 -23.85
C LYS B 254 12.43 16.46 -23.53
N GLY B 255 12.33 17.32 -22.54
CA GLY B 255 11.07 18.06 -22.30
C GLY B 255 10.06 17.34 -21.42
N ARG B 256 10.38 16.10 -21.00
CA ARG B 256 9.51 15.41 -20.07
C ARG B 256 9.44 16.05 -18.73
N LYS B 257 8.27 15.95 -18.11
CA LYS B 257 8.14 16.50 -16.78
C LYS B 257 8.32 15.38 -15.72
N VAL B 258 9.27 15.55 -14.81
CA VAL B 258 9.45 14.67 -13.71
C VAL B 258 8.65 15.29 -12.56
N ARG B 259 7.78 14.50 -11.94
CA ARG B 259 6.90 15.00 -10.87
C ARG B 259 7.29 14.32 -9.56
N ALA B 260 7.03 15.00 -8.44
CA ALA B 260 7.28 14.46 -7.09
C ALA B 260 5.95 14.28 -6.40
N SER B 261 5.81 13.20 -5.62
CA SER B 261 4.56 12.97 -4.87
C SER B 261 4.63 13.67 -3.48
N PHE B 262 5.72 14.44 -3.25
CA PHE B 262 6.00 14.95 -1.90
C PHE B 262 6.65 16.29 -2.10
N HIS B 263 6.63 17.10 -1.05
CA HIS B 263 7.29 18.40 -1.10
C HIS B 263 7.70 18.78 0.32
ZN ZN C . -16.19 2.54 14.65
O20 V13 D . -11.02 -2.06 19.38
S15 V13 D . -12.42 -1.81 19.94
O19 V13 D . -13.11 -3.05 19.40
C16 V13 D . -12.38 -1.93 21.74
C17 V13 D . -12.17 -0.50 22.16
O18 V13 D . -13.43 0.10 22.14
C1 V13 D . -12.95 -0.30 19.03
C6 V13 D . -12.08 0.77 18.77
F11 V13 D . -10.80 0.71 19.14
C5 V13 D . -12.49 1.91 18.11
F12 V13 D . -11.62 2.90 17.82
C4 V13 D . -13.85 2.02 17.71
S7 V13 D . -14.30 3.50 16.84
O9 V13 D . -13.45 3.40 15.68
N10 V13 D . -15.91 3.52 16.26
O8 V13 D . -14.03 4.73 17.67
C3 V13 D . -14.71 0.97 17.98
F13 V13 D . -16.00 0.98 17.72
C2 V13 D . -14.26 -0.15 18.66
F14 V13 D . -15.14 -1.11 18.90
C1 EDO E . -31.12 4.29 13.20
O1 EDO E . -30.45 3.99 11.98
C2 EDO E . -31.18 5.68 13.73
O2 EDO E . -30.61 6.81 13.07
C1 EDO F . -33.46 -2.67 25.14
O1 EDO F . -33.78 -1.32 25.20
C2 EDO F . -32.36 -3.11 25.98
O2 EDO F . -31.80 -2.09 26.71
ZN ZN G . 15.68 -2.74 -14.72
O20 V13 H . 10.47 -8.41 -17.88
S15 V13 H . 11.60 -7.97 -18.89
O19 V13 H . 12.62 -9.04 -18.64
C16 V13 H . 10.95 -8.01 -20.58
C17 V13 H . 12.22 -7.94 -21.40
O18 V13 H . 12.78 -6.70 -21.14
C1 V13 H . 12.15 -6.39 -18.26
C6 V13 H . 13.52 -6.17 -18.03
F11 V13 H . 14.46 -7.15 -18.22
C5 V13 H . 13.96 -4.95 -17.56
F12 V13 H . 15.26 -4.84 -17.35
C4 V13 H . 13.06 -3.92 -17.41
S7 V13 H . 13.50 -2.31 -16.76
O9 V13 H . 12.80 -2.26 -15.49
N10 V13 H . 15.20 -2.18 -16.34
O8 V13 H . 13.05 -1.29 -17.76
C3 V13 H . 11.70 -4.16 -17.65
F13 V13 H . 10.75 -3.23 -17.44
C2 V13 H . 11.23 -5.38 -18.11
F14 V13 H . 9.91 -5.46 -18.37
C1 PEG I . 6.52 -21.97 -10.25
O1 PEG I . 5.30 -22.46 -10.76
C2 PEG I . 7.79 -22.82 -10.22
O2 PEG I . 8.06 -23.20 -8.86
C3 PEG I . 8.16 -22.30 -7.70
C4 PEG I . 7.89 -22.92 -6.34
O4 PEG I . 6.72 -22.58 -5.53
C1 EDO J . 6.18 6.83 6.19
O1 EDO J . 5.69 8.11 6.50
C2 EDO J . 7.61 6.53 6.34
O2 EDO J . 8.50 7.50 6.76
C1 EDO K . 26.36 -13.08 1.55
O1 EDO K . 26.56 -14.48 1.38
C2 EDO K . 27.46 -12.20 1.84
O2 EDO K . 28.76 -12.70 1.99
C1 EDO L . -1.00 -16.91 0.58
O1 EDO L . 0.00 -15.93 0.45
C2 EDO L . -2.10 -17.01 -0.40
O2 EDO L . -2.21 -16.18 -1.52
C1 EDO M . 30.95 1.96 -14.81
O1 EDO M . 30.10 2.74 -13.97
C2 EDO M . 31.13 0.51 -14.53
O2 EDO M . 30.50 -0.13 -13.45
C1 EDO N . 30.85 1.11 0.48
O1 EDO N . 31.32 0.03 -0.31
C2 EDO N . 30.01 2.27 0.16
O2 EDO N . 29.45 2.58 -1.08
#